data_2EST
#
_entry.id   2EST
#
_cell.length_a   52.530
_cell.length_b   57.470
_cell.length_c   75.260
_cell.angle_alpha   90.00
_cell.angle_beta   90.00
_cell.angle_gamma   90.00
#
_symmetry.space_group_name_H-M   'P 21 21 21'
#
loop_
_entity.id
_entity.type
_entity.pdbx_description
1 polymer ELASTASE
2 non-polymer 6-ammonio-N-(trifluoroacetyl)-L-norleucyl-N-[4-(trifluoromethyl)phenyl]-L-alaninamide
3 non-polymer 'SULFATE ION'
4 water water
#
_entity_poly.entity_id   1
_entity_poly.type   'polypeptide(L)'
_entity_poly.pdbx_seq_one_letter_code
;VVGGTEAQRNSWPSQISLQYRSGSSWAHTCGGTLIRQNWVMTAAHCVDRELTFRVVVGEHNLNQNNGTEQYVGVQKIVVH
PYWNTDDVAAGYDIALLRLAQSVTLNSYVQLGVLPRAGTILANNSPCYITGWGLTRTNGQLAQTLQQAYLPTVDYAICSS
SSYWGSTVKNSMVCAGGDGVRSGCQGDSGGPLHCLVNGQYAVHGVTSFVSRLGCNVTRKPTVFTRVSAYISWINNVIASN
;
_entity_poly.pdbx_strand_id   E
#
# COMPACT_ATOMS: atom_id res chain seq x y z
N VAL A 1 8.97 6.22 -0.19
CA VAL A 1 9.10 6.19 -1.64
C VAL A 1 10.45 6.71 -2.08
N VAL A 2 11.26 6.05 -2.90
CA VAL A 2 12.49 6.54 -3.52
C VAL A 2 12.16 7.44 -4.77
N GLY A 3 12.89 8.58 -4.87
CA GLY A 3 12.65 9.51 -6.04
C GLY A 3 11.32 10.21 -6.08
N GLY A 4 10.55 10.47 -4.99
CA GLY A 4 9.30 11.07 -4.68
C GLY A 4 9.20 12.60 -4.41
N THR A 5 8.03 13.20 -4.24
CA THR A 5 8.00 14.63 -3.89
C THR A 5 7.01 14.65 -2.78
N GLU A 6 6.97 15.77 -2.05
CA GLU A 6 5.94 15.83 -0.99
C GLU A 6 4.64 16.08 -1.73
N ALA A 7 3.61 15.46 -1.20
CA ALA A 7 2.19 15.43 -1.47
C ALA A 7 1.50 16.59 -0.79
N GLN A 8 0.32 17.11 -1.05
CA GLN A 8 -0.28 18.24 -0.30
C GLN A 8 -1.21 17.56 0.72
N ARG A 9 -1.51 18.15 1.86
CA ARG A 9 -2.35 17.43 2.87
C ARG A 9 -3.62 16.66 2.50
N ASN A 10 -4.31 17.28 1.52
CA ASN A 10 -5.66 16.73 1.05
C ASN A 10 -5.60 15.77 -0.11
N SER A 11 -4.31 15.55 -0.44
CA SER A 11 -4.02 14.89 -1.72
C SER A 11 -4.53 13.45 -1.79
N TRP A 12 -4.12 12.61 -0.81
CA TRP A 12 -4.56 11.17 -0.89
C TRP A 12 -5.13 10.84 0.44
N PRO A 13 -6.36 11.20 0.71
CA PRO A 13 -7.07 11.11 1.98
C PRO A 13 -7.57 9.76 2.48
N SER A 14 -7.37 8.74 1.70
CA SER A 14 -7.60 7.30 2.02
C SER A 14 -6.25 6.63 2.44
N GLN A 15 -5.11 7.26 2.37
CA GLN A 15 -3.82 6.85 2.89
C GLN A 15 -3.85 6.80 4.45
N ILE A 16 -3.29 5.65 4.89
CA ILE A 16 -3.24 5.43 6.37
C ILE A 16 -1.76 5.04 6.61
N SER A 17 -1.31 5.11 7.85
CA SER A 17 -0.08 4.75 8.44
C SER A 17 -0.43 3.72 9.52
N LEU A 18 0.14 2.57 9.35
CA LEU A 18 0.02 1.41 10.25
C LEU A 18 1.23 1.54 11.20
N GLN A 19 0.84 1.73 12.43
CA GLN A 19 2.00 1.86 13.39
C GLN A 19 2.07 0.81 14.51
N TYR A 20 3.21 0.44 15.04
CA TYR A 20 3.10 -0.57 16.17
C TYR A 20 3.65 0.10 17.45
N ARG A 21 3.25 -0.34 18.61
CA ARG A 21 3.62 0.28 19.93
C ARG A 21 4.96 -0.35 20.13
N SER A 22 5.91 0.52 20.12
CA SER A 22 7.35 0.45 20.27
C SER A 22 7.78 1.22 21.60
N GLY A 23 7.49 0.43 22.66
CA GLY A 23 7.58 0.56 24.07
C GLY A 23 6.64 1.60 24.62
N SER A 24 7.27 2.80 24.63
CA SER A 24 6.64 4.04 25.12
C SER A 24 5.79 4.81 24.06
N SER A 25 6.25 4.59 22.81
CA SER A 25 5.52 5.30 21.76
C SER A 25 5.11 4.35 20.63
N TRP A 26 4.70 4.91 19.48
CA TRP A 26 4.27 4.12 18.33
C TRP A 26 5.17 4.33 17.13
N ALA A 27 5.64 3.37 16.35
CA ALA A 27 6.42 3.61 15.14
C ALA A 27 5.75 3.13 13.80
N HIS A 28 5.90 3.85 12.72
CA HIS A 28 5.43 3.52 11.40
C HIS A 28 6.20 2.27 10.91
N THR A 29 5.27 1.42 10.38
CA THR A 29 5.74 0.14 9.85
C THR A 29 5.23 0.04 8.43
N CYS A 30 4.03 0.38 8.12
CA CYS A 30 3.37 0.29 6.84
C CYS A 30 2.28 1.28 6.46
N GLY A 31 2.06 1.27 5.14
CA GLY A 31 0.90 2.07 4.70
C GLY A 31 -0.36 1.18 4.72
N GLY A 32 -1.50 1.78 4.34
CA GLY A 32 -2.75 1.02 4.11
C GLY A 32 -3.74 1.85 3.38
N THR A 33 -4.92 1.47 3.06
CA THR A 33 -5.95 2.30 2.45
C THR A 33 -7.19 2.13 3.28
N LEU A 34 -7.82 3.14 3.83
CA LEU A 34 -9.06 3.21 4.55
C LEU A 34 -10.17 2.71 3.59
N ILE A 35 -10.85 1.62 3.78
CA ILE A 35 -11.91 1.24 2.78
C ILE A 35 -13.27 1.26 3.43
N ARG A 36 -13.45 1.40 4.72
CA ARG A 36 -14.74 1.56 5.34
C ARG A 36 -14.50 2.45 6.53
N GLN A 37 -15.39 3.15 7.19
CA GLN A 37 -15.12 4.00 8.31
C GLN A 37 -14.41 3.22 9.42
N ASN A 38 -14.55 1.89 9.52
CA ASN A 38 -14.22 0.85 10.46
C ASN A 38 -13.41 -0.12 9.67
N TRP A 39 -12.88 -0.04 8.46
CA TRP A 39 -12.06 -1.11 7.84
C TRP A 39 -10.86 -0.59 7.04
N VAL A 40 -9.72 -1.26 7.25
CA VAL A 40 -8.46 -0.94 6.44
C VAL A 40 -7.90 -2.14 5.61
N MET A 41 -7.36 -1.70 4.47
CA MET A 41 -6.73 -2.74 3.61
C MET A 41 -5.24 -2.50 3.68
N THR A 42 -4.39 -3.54 3.96
CA THR A 42 -2.92 -3.44 4.00
C THR A 42 -2.46 -4.75 3.38
N ALA A 43 -1.16 -4.99 3.47
CA ALA A 43 -0.42 -6.12 3.01
C ALA A 43 -0.29 -6.99 4.28
N ALA A 44 -0.44 -8.23 3.91
CA ALA A 44 -0.35 -9.38 4.77
C ALA A 44 1.03 -9.44 5.43
N HIS A 45 2.18 -9.29 4.79
CA HIS A 45 3.53 -9.27 5.46
C HIS A 45 3.60 -8.07 6.48
N CYS A 46 2.69 -7.11 6.56
CA CYS A 46 2.81 -6.12 7.61
C CYS A 46 2.30 -6.47 8.99
N VAL A 47 1.28 -7.31 8.98
CA VAL A 47 0.63 -7.75 10.22
C VAL A 47 1.20 -9.17 10.40
N ASP A 48 2.37 -9.54 10.03
CA ASP A 48 2.78 -10.94 10.29
C ASP A 48 3.21 -11.34 11.77
N ARG A 49 3.77 -10.24 12.35
CA ARG A 49 4.24 -10.23 13.71
C ARG A 49 3.13 -9.67 14.54
N GLU A 50 2.87 -10.43 15.55
CA GLU A 50 1.89 -10.13 16.56
C GLU A 50 2.25 -8.99 17.51
N LEU A 51 1.96 -7.75 17.05
CA LEU A 51 2.27 -6.51 17.81
C LEU A 51 1.06 -5.76 18.12
N THR A 52 1.22 -4.63 18.85
CA THR A 52 -0.03 -3.88 19.13
C THR A 52 0.10 -2.83 17.97
N PHE A 53 -0.98 -2.77 17.16
CA PHE A 53 -1.13 -1.82 16.00
C PHE A 53 -2.31 -0.90 16.25
N ARG A 54 -1.95 0.22 15.59
CA ARG A 54 -2.81 1.43 15.43
C ARG A 54 -2.76 1.94 13.97
N VAL A 55 -3.87 2.59 13.66
CA VAL A 55 -4.06 3.19 12.32
C VAL A 55 -4.19 4.67 12.63
N VAL A 56 -3.47 5.39 11.75
CA VAL A 56 -3.58 6.88 11.79
C VAL A 56 -4.20 7.33 10.41
N VAL A 57 -5.41 7.91 10.55
CA VAL A 57 -6.06 8.31 9.28
C VAL A 57 -5.75 9.86 9.36
N GLY A 58 -5.68 10.40 8.14
CA GLY A 58 -5.55 11.77 8.04
C GLY A 58 -4.28 12.33 8.62
N GLU A 59 -3.22 11.64 8.31
CA GLU A 59 -1.84 11.91 8.62
C GLU A 59 -1.09 12.57 7.51
N HIS A 60 -0.08 13.33 7.87
CA HIS A 60 0.75 13.90 6.77
C HIS A 60 2.25 13.87 7.24
N ASN A 61 2.60 14.49 8.35
CA ASN A 61 3.90 14.62 8.97
C ASN A 61 3.86 13.66 10.18
N LEU A 62 4.73 12.68 10.20
CA LEU A 62 4.69 11.61 11.24
C LEU A 62 5.00 12.10 12.71
N ASN A 63 5.94 12.93 12.79
CA ASN A 63 6.62 13.59 13.85
C ASN A 63 6.00 14.86 14.34
N GLN A 64 4.94 15.38 13.73
CA GLN A 64 4.37 16.75 14.14
C GLN A 64 2.90 16.87 14.35
N ASN A 65 2.15 17.41 15.29
CA ASN A 65 0.67 17.28 15.21
C ASN A 65 0.37 18.28 14.05
N ASN A 66 -0.44 17.79 13.11
CA ASN A 66 -1.02 18.39 11.93
C ASN A 66 -2.46 18.84 12.31
N GLY A 67 -3.08 18.61 13.45
CA GLY A 67 -4.37 18.98 13.98
C GLY A 67 -5.53 18.31 13.29
N THR A 68 -5.25 17.34 12.34
CA THR A 68 -6.19 16.54 11.54
C THR A 68 -6.26 15.01 11.66
N GLU A 69 -5.46 14.37 12.51
CA GLU A 69 -5.25 12.94 12.70
C GLU A 69 -6.28 12.36 13.66
N GLN A 70 -6.54 11.09 13.27
CA GLN A 70 -7.50 10.20 14.00
C GLN A 70 -6.69 8.86 14.12
N TYR A 71 -6.41 8.51 15.40
CA TYR A 71 -5.79 7.44 16.04
C TYR A 71 -6.93 6.50 16.54
N VAL A 72 -6.69 5.34 15.73
CA VAL A 72 -7.64 4.20 16.02
C VAL A 72 -6.87 2.89 16.16
N GLY A 73 -7.50 2.18 17.11
CA GLY A 73 -6.97 0.77 17.40
C GLY A 73 -7.49 -0.27 16.38
N VAL A 74 -6.84 -1.35 16.23
CA VAL A 74 -7.26 -2.55 15.47
C VAL A 74 -7.94 -3.60 16.39
N GLN A 75 -9.27 -3.93 16.23
CA GLN A 75 -9.88 -4.92 17.12
C GLN A 75 -9.71 -6.29 16.33
N LYS A 76 -9.60 -6.44 15.06
CA LYS A 76 -9.49 -7.82 14.49
C LYS A 76 -8.61 -7.70 13.27
N ILE A 77 -7.84 -8.75 13.06
CA ILE A 77 -6.98 -8.79 11.88
C ILE A 77 -7.46 -10.00 11.06
N VAL A 78 -7.67 -9.75 9.75
CA VAL A 78 -8.13 -10.81 8.80
C VAL A 78 -7.14 -10.85 7.64
N VAL A 79 -6.26 -11.82 7.71
CA VAL A 79 -5.24 -11.99 6.62
C VAL A 79 -5.77 -13.22 5.80
N HIS A 80 -5.45 -13.06 4.53
CA HIS A 80 -5.90 -13.97 3.53
C HIS A 80 -5.56 -15.43 3.86
N PRO A 81 -6.54 -16.41 3.75
CA PRO A 81 -6.24 -17.84 4.08
C PRO A 81 -5.04 -18.48 3.49
N TYR A 82 -4.57 -18.00 2.36
CA TYR A 82 -3.43 -18.53 1.61
C TYR A 82 -2.11 -17.79 1.69
N TRP A 83 -2.06 -16.71 2.48
CA TRP A 83 -0.83 -15.94 2.60
C TRP A 83 0.15 -16.97 3.22
N ASN A 84 1.31 -16.85 2.59
CA ASN A 84 2.42 -17.63 3.21
C ASN A 84 3.62 -16.69 3.31
N THR A 85 3.97 -16.37 4.52
CA THR A 85 5.03 -15.45 4.92
C THR A 85 6.35 -15.47 4.16
N ASP A 86 6.77 -16.72 4.11
CA ASP A 86 7.94 -17.38 3.49
C ASP A 86 7.89 -17.37 1.96
N ASP A 87 6.65 -17.08 1.43
CA ASP A 87 6.61 -17.09 -0.05
C ASP A 87 5.89 -15.80 -0.39
N VAL A 88 6.50 -14.58 -0.30
CA VAL A 88 5.68 -13.40 -0.79
C VAL A 88 5.50 -13.50 -2.34
N ALA A 89 6.30 -14.22 -3.07
CA ALA A 89 6.21 -14.46 -4.47
C ALA A 89 5.01 -15.29 -4.95
N ALA A 90 4.32 -15.94 -3.98
CA ALA A 90 3.10 -16.72 -4.22
C ALA A 90 1.84 -15.86 -4.47
N GLY A 91 1.93 -14.67 -3.90
CA GLY A 91 0.88 -13.67 -3.99
C GLY A 91 0.12 -13.70 -2.66
N TYR A 92 -1.11 -13.30 -2.62
CA TYR A 92 -2.01 -13.28 -1.58
C TYR A 92 -1.56 -12.39 -0.41
N ASP A 93 -0.75 -11.42 -0.84
CA ASP A 93 -0.24 -10.51 0.22
C ASP A 93 -1.32 -9.49 0.54
N ILE A 94 -2.31 -9.83 1.35
CA ILE A 94 -3.39 -8.83 1.57
C ILE A 94 -3.98 -9.19 2.86
N ALA A 95 -4.29 -8.24 3.72
CA ALA A 95 -4.94 -8.35 5.02
C ALA A 95 -5.89 -7.20 5.15
N LEU A 96 -6.95 -7.34 5.91
CA LEU A 96 -8.04 -6.48 6.25
C LEU A 96 -8.04 -6.37 7.77
N LEU A 97 -8.17 -5.06 8.13
CA LEU A 97 -8.18 -4.83 9.63
C LEU A 97 -9.45 -4.16 10.15
N ARG A 98 -10.19 -4.73 11.07
CA ARG A 98 -11.37 -4.10 11.59
C ARG A 98 -10.78 -3.25 12.74
N LEU A 99 -11.06 -1.98 12.63
CA LEU A 99 -10.76 -0.91 13.55
C LEU A 99 -11.81 -0.91 14.66
N ALA A 100 -11.16 -0.52 15.80
CA ALA A 100 -11.77 -0.48 17.17
C ALA A 100 -12.91 0.48 17.04
N GLN A 101 -12.78 1.54 16.27
CA GLN A 101 -13.91 2.50 16.10
C GLN A 101 -13.99 2.95 14.66
N SER A 102 -15.16 3.49 14.26
CA SER A 102 -15.37 4.14 12.97
C SER A 102 -14.85 5.63 13.03
N VAL A 103 -14.03 5.86 11.99
CA VAL A 103 -13.44 7.15 11.77
C VAL A 103 -14.53 8.13 11.28
N THR A 104 -14.26 9.39 11.47
CA THR A 104 -14.96 10.58 11.01
C THR A 104 -14.32 10.89 9.65
N LEU A 105 -15.10 10.92 8.60
CA LEU A 105 -14.69 11.40 7.28
C LEU A 105 -14.89 12.91 7.15
N ASN A 106 -13.93 13.56 6.55
CA ASN A 106 -13.73 14.97 6.26
C ASN A 106 -12.86 15.03 5.01
N SER A 107 -12.35 16.24 4.65
CA SER A 107 -11.50 16.41 3.43
C SER A 107 -10.14 15.71 3.59
N TYR A 108 -9.72 15.35 4.78
CA TYR A 108 -8.48 14.74 5.13
C TYR A 108 -8.54 13.18 5.27
N VAL A 109 -9.73 12.71 5.65
CA VAL A 109 -10.01 11.26 5.84
C VAL A 109 -11.21 10.92 4.94
N GLN A 110 -10.93 10.16 3.91
CA GLN A 110 -11.96 9.69 2.91
C GLN A 110 -11.73 8.23 2.55
N LEU A 111 -12.70 7.61 1.92
CA LEU A 111 -12.56 6.17 1.58
C LEU A 111 -11.89 6.03 0.20
N GLY A 112 -11.01 5.04 0.13
CA GLY A 112 -10.35 4.67 -1.08
C GLY A 112 -11.32 3.94 -2.00
N VAL A 113 -11.33 4.22 -3.25
CA VAL A 113 -12.24 3.73 -4.29
C VAL A 113 -11.59 2.45 -4.80
N LEU A 114 -12.29 1.28 -4.73
CA LEU A 114 -11.65 0.00 -5.30
C LEU A 114 -12.00 -0.31 -6.81
N PRO A 115 -11.10 -1.03 -7.58
CA PRO A 115 -11.54 -1.32 -8.93
C PRO A 115 -12.72 -2.30 -8.93
N ARG A 116 -13.19 -2.45 -10.14
CA ARG A 116 -14.17 -3.38 -10.65
C ARG A 116 -13.36 -4.74 -10.62
N ALA A 117 -13.98 -5.85 -10.08
CA ALA A 117 -13.30 -7.14 -9.97
C ALA A 117 -12.79 -7.44 -11.39
N GLY A 118 -11.60 -7.95 -11.58
CA GLY A 118 -11.08 -8.33 -12.81
C GLY A 118 -10.38 -7.55 -13.82
N THR A 119 -10.28 -6.30 -13.53
CA THR A 119 -9.64 -5.15 -14.19
C THR A 119 -8.11 -5.19 -14.03
N ILE A 120 -7.61 -5.19 -15.19
CA ILE A 120 -6.31 -5.14 -15.81
C ILE A 120 -6.21 -3.88 -16.72
N LEU A 121 -5.19 -3.26 -16.25
CA LEU A 121 -4.55 -2.02 -16.71
C LEU A 121 -3.61 -2.32 -17.91
N ALA A 122 -3.65 -1.35 -18.84
CA ALA A 122 -2.80 -1.32 -20.00
C ALA A 122 -1.41 -0.90 -19.48
N ASN A 123 -0.41 -1.22 -20.24
CA ASN A 123 0.99 -0.95 -19.97
C ASN A 123 1.07 0.55 -20.00
N ASN A 124 1.83 1.09 -19.14
CA ASN A 124 2.14 2.53 -18.94
C ASN A 124 0.89 3.29 -18.51
N SER A 125 0.03 2.67 -17.75
CA SER A 125 -1.11 3.36 -17.19
C SER A 125 -0.51 4.32 -16.12
N PRO A 126 -0.86 5.55 -15.91
CA PRO A 126 -0.49 6.51 -14.89
C PRO A 126 -1.08 6.19 -13.52
N CYS A 127 -0.06 5.97 -12.69
CA CYS A 127 -0.26 5.61 -11.30
C CYS A 127 0.75 6.31 -10.45
N TYR A 128 0.29 6.48 -9.23
CA TYR A 128 1.12 7.07 -8.16
C TYR A 128 1.27 6.16 -6.95
N ILE A 129 2.50 6.11 -6.38
CA ILE A 129 2.85 5.36 -5.15
C ILE A 129 2.98 6.46 -4.10
N THR A 130 2.23 6.19 -3.04
CA THR A 130 2.19 7.10 -1.88
C THR A 130 2.84 6.40 -0.64
N GLY A 131 3.47 7.13 0.32
CA GLY A 131 3.93 6.64 1.54
C GLY A 131 5.13 7.38 2.13
N TRP A 132 5.35 6.94 3.41
CA TRP A 132 6.34 7.30 4.44
C TRP A 132 7.58 6.46 4.48
N GLY A 133 7.86 5.56 3.54
CA GLY A 133 8.88 4.58 3.25
C GLY A 133 10.19 5.22 3.04
N LEU A 134 11.33 4.59 3.04
CA LEU A 134 12.62 5.15 2.89
C LEU A 134 12.73 5.78 1.46
N THR A 135 13.48 6.84 1.45
CA THR A 135 13.69 7.75 0.35
C THR A 135 14.92 7.45 -0.51
N ARG A 136 15.73 6.48 0.06
CA ARG A 136 16.92 5.98 -0.59
C ARG A 136 16.88 4.49 -0.13
N THR A 137 17.53 3.62 -0.82
CA THR A 137 17.84 2.28 -0.48
C THR A 137 18.70 2.40 0.81
N ASN A 138 18.41 1.74 1.87
CA ASN A 138 19.07 1.72 3.23
C ASN A 138 19.13 3.10 3.88
N GLY A 139 18.21 3.99 3.57
CA GLY A 139 17.85 5.30 3.79
C GLY A 139 17.07 5.38 5.05
N GLN A 140 16.27 6.37 5.31
CA GLN A 140 15.40 6.57 6.46
C GLN A 140 13.95 6.92 6.04
N LEU A 141 12.97 6.67 6.95
CA LEU A 141 11.59 6.99 6.55
C LEU A 141 11.31 8.44 6.20
N ALA A 142 10.40 8.76 5.31
CA ALA A 142 10.10 10.21 5.10
C ALA A 142 9.32 10.72 6.29
N GLN A 143 9.57 12.05 6.58
CA GLN A 143 8.76 12.62 7.69
C GLN A 143 7.37 12.96 7.21
N THR A 144 7.25 13.36 5.93
CA THR A 144 6.01 13.75 5.24
C THR A 144 5.77 12.71 4.15
N LEU A 145 4.40 12.67 3.92
CA LEU A 145 3.86 11.79 2.87
C LEU A 145 4.49 12.19 1.52
N GLN A 146 5.14 11.29 0.83
CA GLN A 146 5.76 11.25 -0.49
C GLN A 146 4.91 10.60 -1.57
N GLN A 147 5.11 11.19 -2.74
CA GLN A 147 4.37 10.61 -3.93
C GLN A 147 5.35 10.50 -5.09
N ALA A 148 5.14 9.41 -5.80
CA ALA A 148 5.95 9.17 -7.02
C ALA A 148 5.01 8.56 -8.10
N TYR A 149 5.26 8.99 -9.31
CA TYR A 149 4.68 8.64 -10.55
C TYR A 149 5.43 7.39 -10.96
N LEU A 150 4.58 6.38 -10.92
CA LEU A 150 4.96 4.97 -11.16
C LEU A 150 4.00 4.36 -12.13
N PRO A 151 4.18 4.47 -13.46
CA PRO A 151 3.32 4.00 -14.51
C PRO A 151 3.45 2.47 -14.62
N THR A 152 2.38 1.69 -14.97
CA THR A 152 2.47 0.24 -14.87
C THR A 152 3.37 -0.38 -15.91
N VAL A 153 3.61 -1.60 -15.49
CA VAL A 153 4.44 -2.41 -16.51
C VAL A 153 3.50 -3.64 -16.77
N ASP A 154 3.05 -3.89 -18.01
CA ASP A 154 2.14 -5.10 -18.01
C ASP A 154 2.80 -6.47 -17.71
N TYR A 155 1.95 -7.51 -17.42
CA TYR A 155 2.41 -8.87 -17.08
C TYR A 155 3.22 -9.46 -18.24
N ALA A 156 3.03 -9.42 -19.49
CA ALA A 156 4.03 -9.99 -20.43
C ALA A 156 5.42 -9.44 -20.20
N ILE A 157 5.67 -8.16 -20.10
CA ILE A 157 6.96 -7.50 -19.85
C ILE A 157 7.44 -7.82 -18.42
N CYS A 158 6.54 -7.65 -17.46
CA CYS A 158 7.13 -7.90 -16.12
C CYS A 158 7.55 -9.34 -15.84
N SER A 159 6.99 -10.35 -16.52
CA SER A 159 7.55 -11.70 -16.20
C SER A 159 8.52 -12.25 -17.21
N SER A 160 9.20 -11.41 -17.89
CA SER A 160 10.33 -11.43 -18.78
C SER A 160 11.53 -11.79 -17.93
N SER A 161 12.38 -12.57 -18.56
CA SER A 161 13.63 -13.01 -17.75
C SER A 161 14.47 -11.79 -17.47
N SER A 162 14.34 -10.76 -18.28
CA SER A 162 14.94 -9.46 -18.21
C SER A 162 14.49 -8.64 -16.97
N TYR A 163 13.24 -8.91 -16.60
CA TYR A 163 12.57 -8.20 -15.45
C TYR A 163 12.47 -9.06 -14.21
N TRP A 164 11.34 -9.48 -13.70
CA TRP A 164 11.21 -10.32 -12.51
C TRP A 164 11.07 -11.84 -12.70
N GLY A 165 10.78 -12.03 -14.01
CA GLY A 165 10.67 -13.48 -14.37
C GLY A 165 9.42 -14.06 -13.79
N SER A 166 9.48 -15.31 -13.33
CA SER A 166 8.30 -16.05 -12.73
C SER A 166 8.04 -15.72 -11.28
N THR A 167 8.71 -14.71 -10.66
CA THR A 167 8.61 -14.27 -9.28
C THR A 167 7.24 -13.60 -9.23
N VAL A 168 6.79 -12.93 -10.27
CA VAL A 168 5.55 -12.16 -10.41
C VAL A 168 4.50 -13.13 -11.03
N LYS A 169 3.33 -13.00 -10.50
CA LYS A 169 2.14 -13.74 -10.81
C LYS A 169 1.33 -12.56 -11.37
N ASN A 170 0.35 -13.02 -12.06
CA ASN A 170 -0.75 -12.39 -12.77
C ASN A 170 -1.59 -11.86 -11.60
N SER A 171 -1.64 -12.26 -10.37
CA SER A 171 -2.36 -11.54 -9.32
C SER A 171 -1.58 -10.35 -8.73
N MET A 172 -0.61 -9.87 -9.45
CA MET A 172 0.27 -8.75 -9.03
C MET A 172 0.32 -7.67 -10.12
N VAL A 173 0.55 -6.41 -9.89
CA VAL A 173 0.68 -5.19 -10.65
C VAL A 173 2.11 -4.76 -10.34
N CYS A 174 2.86 -4.40 -11.34
CA CYS A 174 4.25 -4.01 -11.35
C CYS A 174 4.31 -2.52 -11.66
N ALA A 175 5.08 -1.62 -11.07
CA ALA A 175 4.90 -0.22 -11.64
C ALA A 175 6.31 0.35 -11.40
N GLY A 176 6.84 1.18 -12.31
CA GLY A 176 8.10 1.79 -12.28
C GLY A 176 9.25 1.02 -12.86
N GLY A 177 10.42 0.80 -12.22
CA GLY A 177 11.53 0.14 -12.79
C GLY A 177 12.54 0.88 -13.60
N ASP A 178 12.49 2.20 -13.57
CA ASP A 178 13.35 3.22 -14.24
C ASP A 178 14.68 3.39 -13.50
N GLY A 179 14.76 2.81 -12.30
CA GLY A 179 15.91 2.86 -11.47
C GLY A 179 16.04 4.18 -10.74
N VAL A 180 15.03 5.02 -10.71
CA VAL A 180 15.08 6.41 -10.12
C VAL A 180 14.05 6.54 -9.01
N ARG A 181 12.84 6.17 -9.27
CA ARG A 181 11.64 6.14 -8.54
C ARG A 181 11.20 4.69 -8.26
N SER A 182 10.65 4.44 -7.12
CA SER A 182 10.11 3.21 -6.61
C SER A 182 9.54 3.43 -5.23
N GLY A 183 8.99 2.32 -4.69
CA GLY A 183 8.52 2.03 -3.28
C GLY A 183 9.74 1.40 -2.59
N CYS A 184 9.58 1.56 -1.27
CA CYS A 184 10.77 1.13 -0.37
C CYS A 184 10.26 0.64 0.98
N GLN A 185 11.02 0.09 1.87
CA GLN A 185 10.57 -0.52 3.11
C GLN A 185 9.91 0.58 3.90
N GLY A 186 8.72 0.24 4.40
CA GLY A 186 7.91 1.20 5.09
C GLY A 186 6.80 1.67 4.20
N ASP A 187 6.78 1.46 2.89
CA ASP A 187 5.73 1.76 1.93
C ASP A 187 4.83 0.48 1.86
N SER A 188 5.29 -0.74 2.13
CA SER A 188 4.62 -1.99 2.07
C SER A 188 3.18 -1.90 2.45
N GLY A 189 2.13 -2.34 1.82
CA GLY A 189 0.72 -2.25 2.25
C GLY A 189 -0.15 -1.09 1.81
N GLY A 190 0.55 -0.11 1.27
CA GLY A 190 0.13 1.20 0.87
C GLY A 190 -0.47 1.17 -0.52
N PRO A 191 -1.10 2.30 -0.85
CA PRO A 191 -1.80 2.26 -2.15
C PRO A 191 -0.97 2.57 -3.33
N LEU A 192 -1.30 2.03 -4.43
CA LEU A 192 -0.89 2.42 -5.80
C LEU A 192 -2.22 3.01 -6.41
N HIS A 193 -2.32 4.29 -6.64
CA HIS A 193 -3.44 5.05 -7.20
C HIS A 193 -3.31 5.30 -8.70
N CYS A 194 -4.25 4.68 -9.43
CA CYS A 194 -4.32 4.80 -10.88
C CYS A 194 -5.66 5.40 -11.34
N LEU A 195 -5.25 6.25 -12.32
CA LEU A 195 -6.25 7.12 -12.99
C LEU A 195 -6.98 6.29 -14.06
N VAL A 196 -8.22 6.08 -13.65
CA VAL A 196 -9.19 5.39 -14.54
C VAL A 196 -10.59 6.06 -14.49
N ASN A 197 -11.01 6.47 -15.73
CA ASN A 197 -12.37 7.12 -15.82
C ASN A 197 -12.54 8.40 -15.00
N GLY A 198 -11.46 9.23 -15.02
CA GLY A 198 -11.25 10.44 -14.39
C GLY A 198 -11.37 10.26 -12.92
N GLN A 199 -11.21 9.14 -12.29
CA GLN A 199 -11.17 8.70 -10.91
C GLN A 199 -9.88 8.01 -10.52
N TYR A 200 -9.23 8.19 -9.40
CA TYR A 200 -8.12 7.57 -8.74
C TYR A 200 -8.75 6.40 -7.94
N ALA A 201 -8.40 5.15 -8.31
CA ALA A 201 -8.85 3.89 -7.68
C ALA A 201 -7.51 3.21 -7.17
N VAL A 202 -7.65 2.56 -6.00
CA VAL A 202 -6.43 1.83 -5.48
C VAL A 202 -6.42 0.43 -6.16
N HIS A 203 -5.46 0.37 -7.03
CA HIS A 203 -5.24 -0.80 -7.84
C HIS A 203 -4.09 -1.68 -7.30
N GLY A 204 -3.15 -1.31 -6.38
CA GLY A 204 -2.15 -2.16 -5.79
C GLY A 204 -2.08 -1.95 -4.26
N VAL A 205 -1.54 -2.92 -3.57
CA VAL A 205 -1.17 -2.99 -2.15
C VAL A 205 0.36 -3.33 -2.33
N THR A 206 1.29 -2.39 -2.08
CA THR A 206 2.73 -2.53 -2.22
C THR A 206 3.15 -3.81 -1.43
N SER A 207 3.85 -4.61 -2.36
CA SER A 207 4.23 -5.91 -1.80
C SER A 207 5.73 -6.02 -1.62
N PHE A 208 6.54 -5.97 -2.66
CA PHE A 208 7.92 -6.15 -2.39
C PHE A 208 8.75 -5.41 -3.42
N VAL A 209 10.07 -5.51 -3.18
CA VAL A 209 11.05 -4.86 -4.04
C VAL A 209 12.13 -5.88 -4.22
N SER A 210 13.14 -5.47 -4.91
CA SER A 210 14.33 -6.29 -5.24
C SER A 210 15.09 -6.30 -3.93
N ARG A 211 15.67 -7.42 -3.66
CA ARG A 211 16.62 -7.63 -2.55
C ARG A 211 17.83 -6.74 -2.78
N LEU A 212 18.35 -6.39 -3.89
CA LEU A 212 19.48 -5.56 -4.18
C LEU A 212 19.17 -4.10 -3.94
N GLY A 213 17.92 -3.76 -3.69
CA GLY A 213 17.58 -2.36 -3.46
C GLY A 213 16.22 -2.13 -4.11
N CYS A 214 15.72 -1.03 -3.59
CA CYS A 214 14.44 -0.41 -3.98
C CYS A 214 14.34 0.09 -5.39
N ASN A 215 15.15 1.00 -5.92
CA ASN A 215 15.04 1.50 -7.29
C ASN A 215 16.05 0.81 -8.14
N VAL A 216 15.60 -0.35 -8.67
CA VAL A 216 16.67 -1.03 -9.50
C VAL A 216 16.16 -0.89 -10.94
N THR A 217 17.00 -0.57 -11.95
CA THR A 217 16.58 -0.61 -13.36
C THR A 217 16.07 -2.03 -13.62
N ARG A 218 14.94 -2.32 -14.15
CA ARG A 218 14.22 -3.55 -14.63
C ARG A 218 13.68 -4.42 -13.50
N LYS A 219 13.58 -3.68 -12.36
CA LYS A 219 13.00 -4.40 -11.19
C LYS A 219 11.80 -3.61 -10.73
N PRO A 220 10.66 -3.43 -11.25
CA PRO A 220 9.68 -2.50 -10.73
C PRO A 220 9.15 -2.95 -9.37
N THR A 221 8.45 -2.09 -8.66
CA THR A 221 7.78 -2.36 -7.38
C THR A 221 6.58 -3.36 -7.64
N VAL A 222 6.41 -4.31 -6.71
CA VAL A 222 5.27 -5.22 -7.06
C VAL A 222 4.24 -5.01 -6.02
N PHE A 223 3.00 -4.93 -6.53
CA PHE A 223 1.76 -4.63 -5.84
C PHE A 223 0.89 -5.82 -5.96
N THR A 224 0.03 -6.23 -5.15
CA THR A 224 -1.02 -7.14 -5.03
C THR A 224 -2.10 -6.43 -5.87
N ARG A 225 -2.57 -7.05 -6.90
CA ARG A 225 -3.67 -6.53 -7.65
C ARG A 225 -4.99 -6.73 -6.94
N VAL A 226 -5.47 -5.62 -6.36
CA VAL A 226 -6.72 -5.42 -5.60
C VAL A 226 -8.00 -6.07 -6.36
N SER A 227 -7.92 -5.89 -7.70
CA SER A 227 -9.07 -6.25 -8.50
C SER A 227 -9.24 -7.79 -8.56
N ALA A 228 -8.22 -8.48 -8.12
CA ALA A 228 -8.31 -9.90 -8.07
C ALA A 228 -8.90 -10.26 -6.74
N TYR A 229 -9.11 -9.43 -5.76
CA TYR A 229 -9.57 -9.85 -4.40
C TYR A 229 -10.85 -9.18 -4.03
N ILE A 230 -11.50 -8.64 -5.04
CA ILE A 230 -12.74 -7.87 -4.72
C ILE A 230 -13.77 -8.72 -4.01
N SER A 231 -13.91 -9.90 -4.57
CA SER A 231 -15.03 -10.77 -4.00
C SER A 231 -14.54 -11.28 -2.65
N TRP A 232 -13.31 -11.59 -2.18
CA TRP A 232 -12.88 -11.93 -0.83
C TRP A 232 -13.06 -10.76 0.17
N ILE A 233 -12.71 -9.51 -0.24
CA ILE A 233 -12.82 -8.18 0.47
C ILE A 233 -14.27 -8.07 0.90
N ASN A 234 -15.14 -8.18 -0.09
CA ASN A 234 -16.59 -8.08 0.19
C ASN A 234 -17.08 -9.12 1.14
N ASN A 235 -16.70 -10.32 0.88
CA ASN A 235 -17.15 -11.43 1.78
C ASN A 235 -16.76 -11.34 3.24
N VAL A 236 -15.56 -10.82 3.50
CA VAL A 236 -15.04 -10.56 4.86
C VAL A 236 -15.80 -9.36 5.45
N ILE A 237 -15.98 -8.32 4.73
CA ILE A 237 -16.65 -7.16 5.41
C ILE A 237 -18.08 -7.55 5.80
N ALA A 238 -18.71 -8.32 4.90
CA ALA A 238 -20.08 -8.87 5.05
C ALA A 238 -20.37 -9.83 6.26
N SER A 239 -19.36 -10.69 6.52
CA SER A 239 -19.51 -11.59 7.65
C SER A 239 -18.98 -11.03 9.00
N ASN A 240 -18.71 -9.69 9.02
CA ASN A 240 -18.20 -8.98 10.25
C ASN A 240 -18.93 -7.67 10.56
#